data_4K72
#
_entry.id   4K72
#
_cell.length_a   36.250
_cell.length_b   48.791
_cell.length_c   54.900
_cell.angle_alpha   90.00
_cell.angle_beta   92.79
_cell.angle_gamma   90.00
#
_symmetry.space_group_name_H-M   'P 1 21 1'
#
loop_
_entity.id
_entity.type
_entity.pdbx_description
1 polymer 'Golgi-associated PDZ and coiled-coil motif-containing protein'
2 polymer 'iCAL36-VQD peptide'
3 water water
#
loop_
_entity_poly.entity_id
_entity_poly.type
_entity_poly.pdbx_seq_one_letter_code
_entity_poly.pdbx_strand_id
1 'polypeptide(L)'
;GPIRKVLLLKEDHEGLGISITGGKEHGVPILISEIHPGQPADRCGGLHVGDAILAVNGVNLRDTKHKEAVTILSQQRGEI
EFEVVYV
;
A,B
2 'polypeptide(L)' ANSRVQDSII C,D
#
# COMPACT_ATOMS: atom_id res chain seq x y z
N GLY A 1 8.25 0.02 -10.81
CA GLY A 1 8.83 -0.96 -9.91
C GLY A 1 7.80 -1.52 -8.96
N PRO A 2 8.19 -2.54 -8.17
CA PRO A 2 7.27 -3.22 -7.25
C PRO A 2 7.09 -2.48 -5.92
N ILE A 3 5.95 -2.68 -5.28
CA ILE A 3 5.81 -2.27 -3.89
C ILE A 3 6.89 -2.94 -3.05
N ARG A 4 7.58 -2.14 -2.21
CA ARG A 4 8.49 -2.69 -1.22
C ARG A 4 8.03 -2.27 0.17
N LYS A 5 8.29 -3.11 1.15
CA LYS A 5 8.09 -2.72 2.53
C LYS A 5 9.46 -2.62 3.17
N VAL A 6 9.75 -1.46 3.74
CA VAL A 6 11.09 -1.18 4.25
C VAL A 6 10.98 -0.78 5.71
N LEU A 7 11.82 -1.38 6.55
CA LEU A 7 11.85 -1.05 7.96
C LEU A 7 12.90 0.02 8.24
N LEU A 8 12.45 1.12 8.83
CA LEU A 8 13.31 2.23 9.21
C LEU A 8 13.41 2.20 10.73
N LEU A 9 14.62 2.37 11.26
CA LEU A 9 14.79 2.44 12.70
C LEU A 9 15.23 3.84 13.10
N LYS A 10 14.45 4.51 13.92
CA LYS A 10 14.89 5.80 14.43
C LYS A 10 14.88 5.88 15.95
N GLU A 11 15.85 6.59 16.50
CA GLU A 11 15.87 6.88 17.93
C GLU A 11 14.93 8.05 18.17
N ASP A 12 14.43 8.18 19.39
CA ASP A 12 13.36 9.15 19.68
C ASP A 12 13.76 10.60 19.45
N HIS A 13 15.06 10.88 19.50
CA HIS A 13 15.55 12.24 19.40
C HIS A 13 15.79 12.69 17.95
N GLU A 14 15.77 11.74 17.02
CA GLU A 14 16.01 12.12 15.62
C GLU A 14 14.73 12.22 14.79
N GLY A 15 14.87 12.75 13.59
CA GLY A 15 13.77 12.77 12.63
C GLY A 15 13.81 11.54 11.76
N LEU A 16 12.98 11.51 10.73
CA LEU A 16 12.96 10.42 9.78
C LEU A 16 14.11 10.54 8.81
N GLY A 17 14.50 11.78 8.52
CA GLY A 17 15.57 12.07 7.59
C GLY A 17 15.11 12.09 6.15
N ILE A 18 13.88 12.57 5.93
CA ILE A 18 13.34 12.69 4.58
C ILE A 18 12.73 14.06 4.38
N SER A 19 12.69 14.50 3.13
CA SER A 19 11.82 15.58 2.73
C SER A 19 10.77 14.98 1.79
N ILE A 20 9.54 15.47 1.88
CA ILE A 20 8.48 14.95 1.03
C ILE A 20 7.75 16.05 0.27
N THR A 21 7.21 15.68 -0.89
CA THR A 21 6.36 16.56 -1.68
C THR A 21 5.07 15.80 -2.02
N GLY A 22 4.11 16.50 -2.62
CA GLY A 22 2.93 15.85 -3.14
C GLY A 22 1.84 15.61 -2.11
N GLY A 23 0.92 14.72 -2.45
CA GLY A 23 -0.22 14.48 -1.59
C GLY A 23 -1.51 14.73 -2.35
N LYS A 24 -2.62 14.41 -1.71
CA LYS A 24 -3.91 14.39 -2.38
C LYS A 24 -4.24 15.71 -3.10
N GLU A 25 -4.04 16.86 -2.46
CA GLU A 25 -4.40 18.13 -3.09
C GLU A 25 -3.57 18.44 -4.34
N HIS A 26 -2.44 17.76 -4.51
CA HIS A 26 -1.60 17.90 -5.69
C HIS A 26 -1.86 16.83 -6.73
N GLY A 27 -2.75 15.89 -6.42
CA GLY A 27 -3.10 14.84 -7.34
C GLY A 27 -1.96 13.87 -7.66
N VAL A 28 -0.96 13.82 -6.79
CA VAL A 28 0.13 12.85 -6.89
C VAL A 28 0.43 12.25 -5.52
N PRO A 29 1.08 11.07 -5.50
CA PRO A 29 1.38 10.45 -4.21
C PRO A 29 2.28 11.31 -3.34
N ILE A 30 2.33 11.02 -2.04
CA ILE A 30 3.36 11.55 -1.16
C ILE A 30 4.67 10.98 -1.67
N LEU A 31 5.61 11.87 -1.96
CA LEU A 31 6.85 11.49 -2.64
C LEU A 31 8.07 11.96 -1.84
N ILE A 32 9.05 11.08 -1.70
CA ILE A 32 10.33 11.46 -1.08
C ILE A 32 11.13 12.28 -2.08
N SER A 33 11.46 13.50 -1.69
CA SER A 33 12.26 14.38 -2.54
C SER A 33 13.71 14.49 -2.05
N GLU A 34 13.93 14.28 -0.75
CA GLU A 34 15.27 14.25 -0.18
C GLU A 34 15.49 13.11 0.81
N ILE A 35 16.68 12.53 0.78
CA ILE A 35 17.13 11.61 1.83
C ILE A 35 18.30 12.29 2.55
N HIS A 36 18.10 12.61 3.81
CA HIS A 36 19.15 13.34 4.55
C HIS A 36 20.30 12.45 5.05
N PRO A 37 21.54 12.82 4.71
CA PRO A 37 22.68 11.97 5.05
C PRO A 37 22.78 11.65 6.54
N GLY A 38 22.93 10.37 6.86
CA GLY A 38 23.22 9.94 8.22
C GLY A 38 21.99 9.78 9.11
N GLN A 39 20.84 10.11 8.57
CA GLN A 39 19.59 10.06 9.32
C GLN A 39 18.87 8.72 9.02
N PRO A 40 17.78 8.42 9.76
CA PRO A 40 17.24 7.06 9.70
C PRO A 40 16.92 6.52 8.30
N ALA A 41 16.28 7.31 7.44
CA ALA A 41 15.95 6.84 6.08
C ALA A 41 17.21 6.52 5.26
N ASP A 42 18.21 7.38 5.35
CA ASP A 42 19.52 7.08 4.77
C ASP A 42 20.06 5.74 5.31
N ARG A 43 20.11 5.60 6.63
CA ARG A 43 20.70 4.43 7.26
C ARG A 43 20.03 3.09 6.91
N CYS A 44 18.72 3.06 6.72
CA CYS A 44 18.06 1.78 6.44
C CYS A 44 18.39 1.28 5.02
N GLY A 45 18.79 2.20 4.15
CA GLY A 45 19.24 1.83 2.82
C GLY A 45 18.14 1.43 1.85
N GLY A 46 16.88 1.44 2.28
CA GLY A 46 15.78 1.03 1.40
C GLY A 46 14.80 2.11 0.96
N LEU A 47 15.12 3.37 1.28
CA LEU A 47 14.28 4.50 0.89
C LEU A 47 15.05 5.47 0.01
N HIS A 48 14.43 5.89 -1.08
CA HIS A 48 15.15 6.62 -2.13
C HIS A 48 14.37 7.81 -2.66
N VAL A 49 15.07 8.85 -3.09
CA VAL A 49 14.41 9.96 -3.76
C VAL A 49 13.64 9.40 -4.96
N GLY A 50 12.38 9.82 -5.10
CA GLY A 50 11.54 9.29 -6.15
C GLY A 50 10.52 8.27 -5.64
N ASP A 51 10.79 7.66 -4.49
CA ASP A 51 9.84 6.69 -3.93
C ASP A 51 8.54 7.37 -3.56
N ALA A 52 7.42 6.72 -3.92
CA ALA A 52 6.13 7.13 -3.39
C ALA A 52 5.89 6.40 -2.06
N ILE A 53 5.42 7.14 -1.06
CA ILE A 53 5.02 6.52 0.19
C ILE A 53 3.52 6.19 0.18
N LEU A 54 3.22 4.91 0.07
CA LEU A 54 1.84 4.45 -0.04
C LEU A 54 1.23 4.36 1.34
N ALA A 55 2.05 3.97 2.31
CA ALA A 55 1.60 3.79 3.69
C ALA A 55 2.79 3.81 4.65
N VAL A 56 2.52 4.17 5.90
CA VAL A 56 3.54 4.10 6.94
C VAL A 56 2.88 3.47 8.16
N ASN A 57 3.51 2.42 8.68
CA ASN A 57 3.01 1.77 9.89
C ASN A 57 1.55 1.33 9.73
N GLY A 58 1.16 0.95 8.52
CA GLY A 58 -0.21 0.53 8.26
C GLY A 58 -1.18 1.69 8.04
N VAL A 59 -0.68 2.92 8.16
CA VAL A 59 -1.50 4.09 7.82
C VAL A 59 -1.46 4.36 6.32
N ASN A 60 -2.59 4.16 5.66
CA ASN A 60 -2.70 4.40 4.22
C ASN A 60 -2.51 5.89 3.89
N LEU A 61 -1.50 6.21 3.08
CA LEU A 61 -1.27 7.60 2.67
C LEU A 61 -1.62 7.86 1.19
N ARG A 62 -2.31 6.90 0.56
CA ARG A 62 -2.65 7.05 -0.85
C ARG A 62 -3.60 8.23 -1.13
N ASP A 63 -4.38 8.63 -0.15
CA ASP A 63 -5.42 9.63 -0.40
C ASP A 63 -5.42 10.69 0.70
N THR A 64 -4.24 10.96 1.25
CA THR A 64 -4.09 11.92 2.33
C THR A 64 -3.50 13.22 1.80
N LYS A 65 -4.00 14.35 2.29
CA LYS A 65 -3.40 15.63 1.92
C LYS A 65 -1.99 15.74 2.54
N HIS A 66 -1.17 16.59 1.95
CA HIS A 66 0.21 16.79 2.36
C HIS A 66 0.37 17.02 3.88
N LYS A 67 -0.38 17.96 4.45
CA LYS A 67 -0.18 18.33 5.85
C LYS A 67 -0.48 17.18 6.82
N GLU A 68 -1.52 16.41 6.52
CA GLU A 68 -1.89 15.27 7.35
C GLU A 68 -0.86 14.15 7.23
N ALA A 69 -0.33 13.91 6.02
CA ALA A 69 0.76 12.96 5.83
C ALA A 69 1.98 13.38 6.67
N VAL A 70 2.33 14.66 6.62
CA VAL A 70 3.48 15.17 7.39
C VAL A 70 3.24 14.85 8.88
N THR A 71 2.04 15.15 9.36
CA THR A 71 1.70 14.92 10.77
C THR A 71 1.79 13.44 11.18
N ILE A 72 1.21 12.56 10.37
CA ILE A 72 1.27 11.13 10.66
C ILE A 72 2.72 10.64 10.69
N LEU A 73 3.48 11.03 9.67
CA LEU A 73 4.87 10.63 9.53
C LEU A 73 5.68 11.10 10.73
N SER A 74 5.43 12.33 11.16
CA SER A 74 6.17 12.91 12.29
C SER A 74 5.83 12.27 13.64
N GLN A 75 4.73 11.53 13.68
CA GLN A 75 4.29 10.90 14.91
C GLN A 75 4.88 9.51 15.07
N GLN A 76 5.49 8.98 14.01
CA GLN A 76 6.05 7.63 14.05
C GLN A 76 7.27 7.53 14.96
N ARG A 77 7.44 6.38 15.60
CA ARG A 77 8.54 6.17 16.54
C ARG A 77 9.13 4.77 16.40
N GLY A 78 10.42 4.66 16.73
CA GLY A 78 11.09 3.37 16.79
C GLY A 78 11.23 2.68 15.45
N GLU A 79 10.76 1.44 15.38
CA GLU A 79 10.86 0.65 14.16
C GLU A 79 9.61 0.87 13.30
N ILE A 80 9.80 1.45 12.13
CA ILE A 80 8.69 1.96 11.33
C ILE A 80 8.69 1.36 9.93
N GLU A 81 7.57 0.74 9.56
CA GLU A 81 7.50 0.12 8.25
C GLU A 81 6.96 1.08 7.18
N PHE A 82 7.75 1.29 6.14
CA PHE A 82 7.32 2.12 5.01
C PHE A 82 6.90 1.22 3.87
N GLU A 83 5.71 1.47 3.33
CA GLU A 83 5.26 0.80 2.12
C GLU A 83 5.46 1.78 0.97
N VAL A 84 6.39 1.46 0.09
CA VAL A 84 6.79 2.41 -0.93
C VAL A 84 6.84 1.76 -2.30
N VAL A 85 6.79 2.59 -3.33
CA VAL A 85 6.92 2.13 -4.68
C VAL A 85 7.54 3.22 -5.53
N TYR A 86 8.43 2.81 -6.41
CA TYR A 86 9.00 3.70 -7.41
C TYR A 86 8.41 3.27 -8.75
N VAL A 87 7.45 4.05 -9.24
CA VAL A 87 6.70 3.66 -10.43
C VAL A 87 7.42 4.06 -11.72
N GLY B 1 -19.36 -16.27 -11.49
CA GLY B 1 -18.36 -17.34 -11.45
C GLY B 1 -18.43 -18.08 -10.13
N PRO B 2 -17.82 -19.27 -10.07
CA PRO B 2 -17.85 -19.98 -8.79
C PRO B 2 -16.89 -19.31 -7.80
N ILE B 3 -17.24 -19.35 -6.51
CA ILE B 3 -16.31 -18.90 -5.47
C ILE B 3 -15.09 -19.83 -5.44
N ARG B 4 -13.90 -19.24 -5.39
CA ARG B 4 -12.66 -20.00 -5.31
C ARG B 4 -11.87 -19.52 -4.11
N LYS B 5 -11.15 -20.44 -3.46
CA LYS B 5 -10.26 -20.08 -2.36
C LYS B 5 -8.87 -20.17 -2.90
N VAL B 6 -8.14 -19.06 -2.89
CA VAL B 6 -6.87 -18.99 -3.57
C VAL B 6 -5.78 -18.65 -2.56
N LEU B 7 -4.70 -19.41 -2.56
CA LEU B 7 -3.56 -19.15 -1.68
C LEU B 7 -2.55 -18.21 -2.33
N LEU B 8 -2.18 -17.15 -1.61
CA LEU B 8 -1.09 -16.27 -2.02
C LEU B 8 0.01 -16.36 -0.97
N LEU B 9 1.25 -16.55 -1.40
CA LEU B 9 2.40 -16.50 -0.49
C LEU B 9 3.24 -15.26 -0.77
N LYS B 10 3.50 -14.47 0.26
CA LYS B 10 4.40 -13.34 0.09
C LYS B 10 5.34 -13.14 1.27
N GLU B 11 6.50 -12.55 1.00
CA GLU B 11 7.44 -12.18 2.04
C GLU B 11 7.13 -10.79 2.56
N ASP B 12 7.64 -10.49 3.74
CA ASP B 12 7.32 -9.24 4.42
C ASP B 12 7.85 -7.99 3.72
N HIS B 13 8.79 -8.16 2.80
CA HIS B 13 9.31 -7.03 2.01
C HIS B 13 8.40 -6.66 0.82
N GLU B 14 7.32 -7.42 0.62
CA GLU B 14 6.51 -7.30 -0.57
C GLU B 14 5.08 -6.84 -0.27
N GLY B 15 4.44 -6.26 -1.29
CA GLY B 15 3.01 -6.07 -1.25
C GLY B 15 2.34 -7.27 -1.91
N LEU B 16 1.05 -7.15 -2.22
CA LEU B 16 0.31 -8.24 -2.86
C LEU B 16 0.59 -8.34 -4.35
N GLY B 17 0.80 -7.20 -4.99
CA GLY B 17 1.05 -7.16 -6.42
C GLY B 17 -0.24 -7.12 -7.24
N ILE B 18 -1.24 -6.45 -6.70
CA ILE B 18 -2.49 -6.25 -7.43
C ILE B 18 -2.92 -4.80 -7.34
N SER B 19 -3.71 -4.37 -8.31
CA SER B 19 -4.43 -3.12 -8.19
C SER B 19 -5.89 -3.49 -8.02
N ILE B 20 -6.58 -2.74 -7.17
CA ILE B 20 -8.00 -2.95 -6.93
C ILE B 20 -8.79 -1.68 -7.25
N THR B 21 -10.03 -1.87 -7.69
CA THR B 21 -10.90 -0.75 -7.96
C THR B 21 -12.22 -1.06 -7.29
N GLY B 22 -13.09 -0.06 -7.17
CA GLY B 22 -14.43 -0.25 -6.64
C GLY B 22 -14.52 -0.10 -5.13
N GLY B 23 -15.61 -0.66 -4.58
CA GLY B 23 -15.92 -0.50 -3.18
C GLY B 23 -17.36 -0.03 -2.97
N LYS B 24 -17.84 -0.18 -1.74
CA LYS B 24 -19.23 0.10 -1.40
C LYS B 24 -19.71 1.49 -1.84
N GLU B 25 -18.90 2.52 -1.64
CA GLU B 25 -19.30 3.88 -2.02
C GLU B 25 -19.46 4.04 -3.54
N HIS B 26 -18.97 3.06 -4.29
CA HIS B 26 -19.11 3.08 -5.74
C HIS B 26 -20.19 2.10 -6.23
N GLY B 27 -20.85 1.43 -5.28
CA GLY B 27 -21.87 0.46 -5.63
C GLY B 27 -21.37 -0.71 -6.44
N VAL B 28 -20.08 -1.01 -6.31
CA VAL B 28 -19.46 -2.13 -7.01
C VAL B 28 -18.52 -2.83 -6.03
N PRO B 29 -18.25 -4.12 -6.25
CA PRO B 29 -17.39 -4.81 -5.29
C PRO B 29 -15.93 -4.39 -5.43
N ILE B 30 -15.11 -4.93 -4.56
CA ILE B 30 -13.66 -4.79 -4.71
C ILE B 30 -13.24 -5.72 -5.84
N LEU B 31 -12.73 -5.13 -6.92
CA LEU B 31 -12.38 -5.85 -8.14
C LEU B 31 -10.90 -5.72 -8.41
N ILE B 32 -10.27 -6.82 -8.82
CA ILE B 32 -8.89 -6.80 -9.26
C ILE B 32 -8.83 -6.20 -10.65
N SER B 33 -8.16 -5.06 -10.76
CA SER B 33 -8.06 -4.34 -12.03
C SER B 33 -6.71 -4.60 -12.71
N GLU B 34 -5.76 -5.10 -11.93
CA GLU B 34 -4.41 -5.37 -12.43
C GLU B 34 -3.72 -6.44 -11.60
N ILE B 35 -3.00 -7.32 -12.27
CA ILE B 35 -2.12 -8.28 -11.61
C ILE B 35 -0.69 -7.89 -12.00
N HIS B 36 0.13 -7.48 -11.04
CA HIS B 36 1.47 -7.00 -11.41
C HIS B 36 2.49 -8.13 -11.60
N PRO B 37 3.12 -8.17 -12.79
CA PRO B 37 4.05 -9.23 -13.18
C PRO B 37 5.19 -9.42 -12.17
N GLY B 38 5.48 -10.67 -11.85
CA GLY B 38 6.56 -11.02 -10.94
C GLY B 38 6.28 -10.78 -9.47
N GLN B 39 5.14 -10.16 -9.14
CA GLN B 39 4.78 -9.96 -7.73
C GLN B 39 3.92 -11.14 -7.20
N PRO B 40 3.66 -11.18 -5.89
CA PRO B 40 3.03 -12.38 -5.30
C PRO B 40 1.73 -12.90 -5.93
N ALA B 41 0.79 -12.02 -6.26
CA ALA B 41 -0.48 -12.47 -6.85
C ALA B 41 -0.22 -13.14 -8.21
N ASP B 42 0.67 -12.54 -9.00
CA ASP B 42 1.07 -13.12 -10.27
C ASP B 42 1.72 -14.49 -10.06
N ARG B 43 2.65 -14.57 -9.12
CA ARG B 43 3.39 -15.81 -8.89
C ARG B 43 2.52 -16.94 -8.34
N CYS B 44 1.59 -16.57 -7.45
CA CYS B 44 0.62 -17.51 -6.84
C CYS B 44 -0.28 -18.23 -7.86
N GLY B 45 -0.72 -17.49 -8.90
CA GLY B 45 -1.37 -18.09 -10.06
C GLY B 45 -2.90 -18.16 -10.20
N GLY B 46 -3.62 -17.98 -9.11
CA GLY B 46 -5.06 -18.21 -9.10
C GLY B 46 -5.95 -16.97 -9.03
N LEU B 47 -5.32 -15.80 -9.20
CA LEU B 47 -6.03 -14.53 -9.13
C LEU B 47 -6.02 -13.84 -10.49
N HIS B 48 -7.15 -13.28 -10.89
CA HIS B 48 -7.26 -12.72 -12.24
C HIS B 48 -7.92 -11.35 -12.28
N VAL B 49 -7.52 -10.53 -13.25
CA VAL B 49 -8.23 -9.29 -13.51
C VAL B 49 -9.72 -9.60 -13.74
N GLY B 50 -10.59 -8.84 -13.07
CA GLY B 50 -12.02 -9.10 -13.15
C GLY B 50 -12.57 -9.91 -11.99
N ASP B 51 -11.68 -10.46 -11.16
CA ASP B 51 -12.13 -11.13 -9.93
C ASP B 51 -12.63 -10.13 -8.91
N ALA B 52 -13.79 -10.43 -8.31
CA ALA B 52 -14.24 -9.72 -7.12
C ALA B 52 -13.61 -10.38 -5.90
N ILE B 53 -13.07 -9.57 -5.00
CA ILE B 53 -12.50 -10.11 -3.77
C ILE B 53 -13.55 -10.09 -2.66
N LEU B 54 -14.04 -11.26 -2.30
CA LEU B 54 -15.14 -11.37 -1.35
C LEU B 54 -14.65 -11.35 0.09
N ALA B 55 -13.45 -11.87 0.31
CA ALA B 55 -12.89 -11.95 1.64
C ALA B 55 -11.42 -12.25 1.58
N VAL B 56 -10.70 -11.91 2.64
CA VAL B 56 -9.30 -12.26 2.75
C VAL B 56 -9.02 -12.74 4.18
N ASN B 57 -8.46 -13.92 4.28
CA ASN B 57 -8.19 -14.57 5.57
C ASN B 57 -9.43 -14.56 6.48
N GLY B 58 -10.58 -14.87 5.89
CA GLY B 58 -11.82 -14.90 6.65
C GLY B 58 -12.45 -13.54 6.90
N VAL B 59 -11.74 -12.47 6.58
CA VAL B 59 -12.28 -11.12 6.76
C VAL B 59 -13.15 -10.75 5.57
N ASN B 60 -14.44 -10.50 5.82
CA ASN B 60 -15.41 -10.18 4.77
C ASN B 60 -15.12 -8.82 4.11
N LEU B 61 -15.12 -8.81 2.78
CA LEU B 61 -14.84 -7.59 2.03
C LEU B 61 -16.02 -7.17 1.16
N ARG B 62 -17.12 -7.90 1.26
CA ARG B 62 -18.27 -7.66 0.38
C ARG B 62 -18.91 -6.28 0.59
N ASP B 63 -18.81 -5.76 1.80
CA ASP B 63 -19.51 -4.53 2.15
C ASP B 63 -18.56 -3.37 2.43
N THR B 64 -17.30 -3.53 2.05
CA THR B 64 -16.27 -2.56 2.42
C THR B 64 -16.15 -1.39 1.44
N LYS B 65 -15.87 -0.22 1.98
CA LYS B 65 -15.49 0.93 1.17
C LYS B 65 -14.08 0.67 0.65
N HIS B 66 -13.69 1.40 -0.39
CA HIS B 66 -12.43 1.18 -1.05
C HIS B 66 -11.26 1.21 -0.07
N LYS B 67 -11.17 2.28 0.72
CA LYS B 67 -10.04 2.44 1.63
C LYS B 67 -10.07 1.45 2.80
N GLU B 68 -11.26 1.05 3.21
CA GLU B 68 -11.41 0.00 4.21
C GLU B 68 -10.78 -1.29 3.69
N ALA B 69 -11.09 -1.64 2.44
CA ALA B 69 -10.47 -2.81 1.81
C ALA B 69 -8.93 -2.70 1.73
N VAL B 70 -8.42 -1.55 1.30
CA VAL B 70 -6.96 -1.34 1.25
C VAL B 70 -6.32 -1.63 2.59
N THR B 71 -6.86 -1.05 3.67
CA THR B 71 -6.31 -1.29 5.01
C THR B 71 -6.30 -2.78 5.36
N ILE B 72 -7.44 -3.43 5.17
CA ILE B 72 -7.58 -4.85 5.46
C ILE B 72 -6.60 -5.73 4.68
N LEU B 73 -6.55 -5.53 3.38
CA LEU B 73 -5.72 -6.35 2.50
C LEU B 73 -4.25 -6.13 2.80
N SER B 74 -3.87 -4.88 3.02
CA SER B 74 -2.46 -4.55 3.22
C SER B 74 -1.93 -5.07 4.55
N GLN B 75 -2.83 -5.34 5.50
CA GLN B 75 -2.46 -5.85 6.82
C GLN B 75 -2.08 -7.34 6.82
N GLN B 76 -2.51 -8.07 5.80
CA GLN B 76 -2.32 -9.52 5.79
C GLN B 76 -0.86 -9.88 5.53
N ARG B 77 -0.35 -10.93 6.19
CA ARG B 77 1.04 -11.33 5.95
C ARG B 77 1.22 -12.82 5.64
N GLY B 78 2.29 -13.15 4.95
CA GLY B 78 2.72 -14.53 4.77
C GLY B 78 1.86 -15.38 3.84
N GLU B 79 1.10 -16.30 4.44
CA GLU B 79 0.25 -17.20 3.68
C GLU B 79 -1.18 -16.70 3.75
N ILE B 80 -1.62 -16.08 2.66
CA ILE B 80 -2.86 -15.32 2.64
C ILE B 80 -3.92 -15.99 1.77
N GLU B 81 -5.11 -16.19 2.32
CA GLU B 81 -6.17 -16.87 1.59
C GLU B 81 -7.23 -15.87 1.10
N PHE B 82 -7.46 -15.86 -0.21
CA PHE B 82 -8.47 -14.99 -0.81
C PHE B 82 -9.70 -15.80 -1.18
N GLU B 83 -10.86 -15.18 -1.07
CA GLU B 83 -12.12 -15.73 -1.61
C GLU B 83 -12.52 -14.80 -2.74
N VAL B 84 -12.52 -15.34 -3.96
CA VAL B 84 -12.70 -14.51 -5.14
C VAL B 84 -13.73 -15.13 -6.08
N VAL B 85 -14.42 -14.27 -6.82
CA VAL B 85 -15.38 -14.69 -7.83
C VAL B 85 -15.14 -13.89 -9.09
N TYR B 86 -15.04 -14.58 -10.22
CA TYR B 86 -15.00 -13.91 -11.50
C TYR B 86 -16.41 -13.44 -11.83
N VAL B 87 -16.63 -12.13 -11.78
CA VAL B 87 -17.97 -11.58 -11.89
C VAL B 87 -18.41 -11.28 -13.33
N ASP C 7 9.21 21.48 0.10
CA ASP C 7 9.08 20.13 0.59
C ASP C 7 8.94 20.22 2.06
N SER C 8 8.24 19.31 2.72
CA SER C 8 8.36 19.31 4.17
C SER C 8 9.47 18.39 4.65
N ILE C 9 10.25 18.86 5.64
CA ILE C 9 11.30 18.05 6.25
C ILE C 9 10.72 17.29 7.43
N ILE C 10 10.98 15.99 7.49
CA ILE C 10 10.49 15.15 8.58
C ILE C 10 11.61 14.26 9.09
N ASN D 2 -9.71 9.62 -16.66
CA ASN D 2 -9.84 9.05 -15.31
C ASN D 2 -11.29 8.80 -14.89
N SER D 3 -11.49 8.54 -13.60
CA SER D 3 -12.81 8.17 -13.07
C SER D 3 -12.94 8.52 -11.58
N ARG D 4 -14.17 8.53 -11.06
CA ARG D 4 -14.41 8.78 -9.65
C ARG D 4 -14.24 7.52 -8.82
N VAL D 5 -14.42 6.36 -9.46
CA VAL D 5 -14.15 5.08 -8.82
C VAL D 5 -12.67 4.98 -8.45
N GLN D 6 -12.38 4.70 -7.19
CA GLN D 6 -10.99 4.68 -6.73
C GLN D 6 -10.22 3.46 -7.24
N ASP D 7 -8.91 3.64 -7.42
CA ASP D 7 -8.01 2.58 -7.85
C ASP D 7 -6.77 2.63 -6.96
N SER D 8 -6.39 1.50 -6.37
CA SER D 8 -5.19 1.48 -5.51
C SER D 8 -4.27 0.31 -5.84
N ILE D 9 -2.96 0.54 -5.78
CA ILE D 9 -2.03 -0.56 -5.93
C ILE D 9 -1.65 -1.03 -4.53
N ILE D 10 -1.69 -2.33 -4.32
CA ILE D 10 -1.47 -2.92 -3.01
C ILE D 10 -0.62 -4.18 -3.10
#